data_9HRE
#
_entry.id   9HRE
#
_cell.length_a   81.041
_cell.length_b   85.561
_cell.length_c   92.506
_cell.angle_alpha   90
_cell.angle_beta   90
_cell.angle_gamma   90
#
_symmetry.space_group_name_H-M   'P 21 21 2'
#
loop_
_entity.id
_entity.type
_entity.pdbx_description
1 polymer 'Prolyl 4-hydroxylase subunit alpha-1'
2 polymer 'Synthetic peptide PRO-HYP-GLY-PRO-ALA-GLY-PRO-HYP-GLY'
3 non-polymer GLYCINE
4 non-polymer 'MAGNESIUM ION'
5 non-polymer '3[N-MORPHOLINO]PROPANE SULFONIC ACID'
6 non-polymer (4S)-2-METHYL-2,4-PENTANEDIOL
7 water water
#
loop_
_entity_poly.entity_id
_entity_poly.type
_entity_poly.pdbx_seq_one_letter_code
_entity_poly.pdbx_strand_id
1 'polypeptide(L)'
;MSFLTAEDCFELGKVAYTEADYYHTELWMEQALRQLDEGEISTIDKVSVLDYLSYAVYQQGDLDKALLLTKKLLELDPEH
QRANGNLKYFEYIMAKELEHHHHHH
;
A,B,C,D
2 'polypeptide(L)' P(HYP)GPAGP(HYP)G E,F,G
#
# COMPACT_ATOMS: atom_id res chain seq x y z
N SER A 2 18.88 -14.73 22.81
CA SER A 2 19.13 -13.26 22.82
C SER A 2 18.05 -12.53 22.03
N PHE A 3 18.45 -11.55 21.20
CA PHE A 3 17.54 -10.94 20.25
C PHE A 3 18.08 -11.16 18.82
N LEU A 4 17.31 -11.93 18.06
CA LEU A 4 17.50 -12.12 16.64
C LEU A 4 16.39 -11.31 15.95
N THR A 5 16.70 -10.67 14.83
CA THR A 5 15.67 -10.00 14.05
C THR A 5 14.85 -11.06 13.32
N ALA A 6 13.72 -10.62 12.77
CA ALA A 6 12.86 -11.48 11.97
C ALA A 6 13.66 -12.00 10.79
N GLU A 7 14.51 -11.12 10.23
CA GLU A 7 15.33 -11.53 9.11
C GLU A 7 16.37 -12.56 9.55
N ASP A 8 16.96 -12.40 10.74
CA ASP A 8 17.84 -13.42 11.29
C ASP A 8 17.13 -14.77 11.36
N CYS A 9 15.93 -14.76 11.96
CA CYS A 9 15.16 -16.00 12.11
C CYS A 9 14.86 -16.63 10.76
N PHE A 10 14.53 -15.78 9.78
CA PHE A 10 14.17 -16.25 8.45
C PHE A 10 15.38 -16.91 7.81
N GLU A 11 16.55 -16.28 7.97
CA GLU A 11 17.80 -16.80 7.42
C GLU A 11 18.13 -18.14 8.07
N LEU A 12 17.95 -18.24 9.39
CA LEU A 12 18.20 -19.49 10.09
C LEU A 12 17.22 -20.57 9.65
N GLY A 13 15.97 -20.14 9.40
CA GLY A 13 14.94 -21.04 8.92
C GLY A 13 15.32 -21.62 7.57
N LYS A 14 15.92 -20.79 6.72
CA LYS A 14 16.32 -21.22 5.39
C LYS A 14 17.50 -22.17 5.47
N VAL A 15 18.43 -21.95 6.42
CA VAL A 15 19.50 -22.92 6.62
C VAL A 15 18.92 -24.26 7.05
N ALA A 16 18.02 -24.25 8.05
CA ALA A 16 17.36 -25.48 8.46
C ALA A 16 16.65 -26.17 7.28
N TYR A 17 15.94 -25.37 6.50
CA TYR A 17 15.17 -25.91 5.39
C TYR A 17 16.10 -26.59 4.39
N THR A 18 17.23 -25.96 4.08
CA THR A 18 18.15 -26.50 3.10
C THR A 18 18.83 -27.75 3.64
N GLU A 19 18.91 -27.94 4.97
CA GLU A 19 19.40 -29.20 5.55
C GLU A 19 18.28 -30.23 5.75
N ALA A 20 17.05 -29.94 5.29
CA ALA A 20 15.89 -30.82 5.50
C ALA A 20 15.66 -31.05 6.99
N ASP A 21 15.95 -30.03 7.80
CA ASP A 21 15.53 -30.02 9.19
C ASP A 21 14.21 -29.25 9.30
N TYR A 22 13.12 -29.96 9.13
CA TYR A 22 11.81 -29.31 9.10
C TYR A 22 11.33 -28.98 10.51
N TYR A 23 11.90 -29.62 11.54
CA TYR A 23 11.59 -29.27 12.92
C TYR A 23 12.10 -27.84 13.21
N HIS A 24 13.39 -27.60 12.90
CA HIS A 24 13.94 -26.31 13.20
C HIS A 24 13.43 -25.29 12.18
N THR A 25 13.11 -25.69 10.93
CA THR A 25 12.51 -24.75 10.00
C THR A 25 11.25 -24.14 10.62
N GLU A 26 10.39 -24.98 11.20
CA GLU A 26 9.15 -24.50 11.78
C GLU A 26 9.43 -23.57 12.95
N LEU A 27 10.35 -23.94 13.83
CA LEU A 27 10.68 -23.09 14.95
C LEU A 27 11.15 -21.69 14.50
N TRP A 28 12.13 -21.63 13.57
CA TRP A 28 12.69 -20.35 13.14
C TRP A 28 11.65 -19.51 12.40
N MET A 29 10.89 -20.15 11.52
CA MET A 29 9.93 -19.44 10.71
C MET A 29 8.78 -18.95 11.57
N GLU A 30 8.35 -19.74 12.54
CA GLU A 30 7.31 -19.29 13.44
C GLU A 30 7.77 -18.11 14.26
N GLN A 31 9.04 -18.12 14.68
CA GLN A 31 9.57 -16.97 15.41
C GLN A 31 9.61 -15.72 14.51
N ALA A 32 10.02 -15.88 13.25
CA ALA A 32 10.03 -14.78 12.31
C ALA A 32 8.61 -14.23 12.12
N LEU A 33 7.64 -15.13 11.94
CA LEU A 33 6.25 -14.72 11.74
C LEU A 33 5.70 -14.00 12.96
N ARG A 34 6.05 -14.47 14.16
CA ARG A 34 5.56 -13.83 15.38
C ARG A 34 6.13 -12.42 15.50
N GLN A 35 7.39 -12.24 15.12
CA GLN A 35 8.00 -10.93 15.23
C GLN A 35 7.42 -9.97 14.19
N LEU A 36 7.15 -10.45 12.97
CA LEU A 36 6.49 -9.66 11.95
C LEU A 36 5.09 -9.28 12.41
N ASP A 37 4.35 -10.24 13.01
CA ASP A 37 2.99 -10.00 13.46
C ASP A 37 2.91 -9.00 14.60
N GLU A 38 3.99 -8.85 15.37
CA GLU A 38 4.06 -7.85 16.43
C GLU A 38 4.58 -6.51 15.88
N GLY A 39 4.82 -6.43 14.58
CA GLY A 39 5.07 -5.15 13.93
C GLY A 39 6.54 -4.80 13.75
N GLU A 40 7.44 -5.79 13.86
CA GLU A 40 8.84 -5.55 13.58
C GLU A 40 9.01 -5.03 12.16
N ILE A 41 9.86 -4.01 12.00
CA ILE A 41 10.19 -3.49 10.68
C ILE A 41 11.32 -4.35 10.13
N SER A 42 11.14 -4.85 8.91
CA SER A 42 11.98 -5.88 8.34
C SER A 42 11.78 -5.90 6.83
N THR A 43 12.79 -6.39 6.09
CA THR A 43 12.65 -6.52 4.64
C THR A 43 12.07 -7.87 4.24
N ILE A 44 11.95 -8.83 5.15
CA ILE A 44 11.38 -10.10 4.73
C ILE A 44 9.88 -9.94 4.75
N ASP A 45 9.19 -10.63 3.86
CA ASP A 45 7.74 -10.55 3.85
C ASP A 45 7.15 -11.85 4.40
N LYS A 46 5.98 -11.66 5.02
CA LYS A 46 5.23 -12.74 5.62
C LYS A 46 5.00 -13.85 4.61
N VAL A 47 4.83 -13.51 3.33
CA VAL A 47 4.44 -14.52 2.35
C VAL A 47 5.57 -15.54 2.19
N SER A 48 6.81 -15.09 2.12
CA SER A 48 7.90 -16.04 1.98
C SER A 48 8.07 -16.87 3.24
N VAL A 49 7.90 -16.26 4.43
CA VAL A 49 7.98 -17.00 5.67
C VAL A 49 6.93 -18.11 5.69
N LEU A 50 5.68 -17.78 5.29
CA LEU A 50 4.58 -18.74 5.31
C LEU A 50 4.83 -19.86 4.30
N ASP A 51 5.49 -19.54 3.20
CA ASP A 51 5.78 -20.52 2.16
C ASP A 51 6.71 -21.62 2.72
N TYR A 52 7.78 -21.23 3.41
CA TYR A 52 8.69 -22.19 4.02
C TYR A 52 8.00 -22.93 5.18
N LEU A 53 7.26 -22.18 5.98
CA LEU A 53 6.60 -22.75 7.15
C LEU A 53 5.57 -23.81 6.74
N SER A 54 4.75 -23.49 5.73
CA SER A 54 3.72 -24.43 5.30
C SER A 54 4.36 -25.71 4.80
N TYR A 55 5.45 -25.57 4.03
CA TYR A 55 6.14 -26.74 3.52
C TYR A 55 6.75 -27.58 4.66
N ALA A 56 7.40 -26.92 5.63
CA ALA A 56 7.99 -27.63 6.75
C ALA A 56 6.92 -28.39 7.55
N VAL A 57 5.77 -27.75 7.79
CA VAL A 57 4.72 -28.37 8.58
C VAL A 57 4.11 -29.55 7.81
N TYR A 58 3.99 -29.44 6.49
CA TYR A 58 3.55 -30.56 5.67
C TYR A 58 4.51 -31.76 5.82
N GLN A 59 5.83 -31.50 5.76
CA GLN A 59 6.80 -32.56 5.94
C GLN A 59 6.66 -33.27 7.28
N GLN A 60 6.25 -32.52 8.30
CA GLN A 60 6.05 -33.12 9.60
C GLN A 60 4.76 -33.93 9.66
N GLY A 61 3.96 -33.94 8.59
CA GLY A 61 2.75 -34.73 8.57
C GLY A 61 1.53 -33.99 9.16
N ASP A 62 1.66 -32.70 9.48
CA ASP A 62 0.57 -31.92 10.07
C ASP A 62 -0.24 -31.23 8.97
N LEU A 63 -1.10 -32.02 8.32
CA LEU A 63 -1.81 -31.59 7.12
C LEU A 63 -2.78 -30.46 7.42
N ASP A 64 -3.48 -30.52 8.56
CA ASP A 64 -4.43 -29.48 8.93
C ASP A 64 -3.71 -28.14 9.10
N LYS A 65 -2.58 -28.15 9.82
CA LYS A 65 -1.82 -26.93 9.98
C LYS A 65 -1.25 -26.44 8.64
N ALA A 66 -0.82 -27.36 7.79
CA ALA A 66 -0.29 -26.94 6.50
C ALA A 66 -1.39 -26.27 5.66
N LEU A 67 -2.62 -26.77 5.75
CA LEU A 67 -3.73 -26.19 5.00
C LEU A 67 -4.01 -24.77 5.53
N LEU A 68 -4.04 -24.66 6.86
CA LEU A 68 -4.30 -23.36 7.47
C LEU A 68 -3.28 -22.33 7.03
N LEU A 69 -1.99 -22.73 7.01
CA LEU A 69 -0.92 -21.81 6.65
C LEU A 69 -1.01 -21.45 5.18
N THR A 70 -1.43 -22.41 4.35
CA THR A 70 -1.60 -22.14 2.92
C THR A 70 -2.69 -21.10 2.72
N LYS A 71 -3.78 -21.23 3.49
CA LYS A 71 -4.88 -20.27 3.38
C LYS A 71 -4.43 -18.89 3.85
N LYS A 72 -3.62 -18.85 4.91
CA LYS A 72 -3.11 -17.58 5.39
C LYS A 72 -2.25 -16.92 4.31
N LEU A 73 -1.44 -17.71 3.62
CA LEU A 73 -0.57 -17.18 2.58
C LEU A 73 -1.41 -16.59 1.45
N LEU A 74 -2.45 -17.33 1.03
CA LEU A 74 -3.31 -16.92 -0.07
C LEU A 74 -4.13 -15.68 0.27
N GLU A 75 -4.48 -15.48 1.53
CA GLU A 75 -5.10 -14.24 1.94
C GLU A 75 -4.15 -13.08 1.66
N LEU A 76 -2.84 -13.28 1.82
CA LEU A 76 -1.90 -12.19 1.64
C LEU A 76 -1.44 -12.05 0.18
N ASP A 77 -1.43 -13.16 -0.56
CA ASP A 77 -1.01 -13.18 -1.96
C ASP A 77 -1.90 -14.16 -2.73
N PRO A 78 -3.10 -13.71 -3.15
CA PRO A 78 -4.07 -14.63 -3.75
C PRO A 78 -3.58 -15.31 -5.02
N GLU A 79 -2.55 -14.75 -5.68
CA GLU A 79 -2.11 -15.30 -6.97
C GLU A 79 -0.91 -16.23 -6.82
N HIS A 80 -0.47 -16.52 -5.58
CA HIS A 80 0.74 -17.31 -5.39
C HIS A 80 0.54 -18.70 -6.01
N GLN A 81 1.46 -19.08 -6.90
CA GLN A 81 1.25 -20.23 -7.77
C GLN A 81 1.34 -21.55 -6.99
N ARG A 82 2.40 -21.72 -6.20
CA ARG A 82 2.59 -22.96 -5.45
C ARG A 82 1.54 -23.10 -4.35
N ALA A 83 1.19 -21.98 -3.68
CA ALA A 83 0.20 -22.07 -2.62
C ALA A 83 -1.15 -22.50 -3.22
N ASN A 84 -1.48 -21.95 -4.40
CA ASN A 84 -2.73 -22.31 -5.06
C ASN A 84 -2.74 -23.79 -5.41
N GLY A 85 -1.60 -24.32 -5.87
CA GLY A 85 -1.47 -25.74 -6.13
C GLY A 85 -1.65 -26.56 -4.85
N ASN A 86 -1.00 -26.13 -3.77
CA ASN A 86 -1.09 -26.83 -2.50
C ASN A 86 -2.55 -26.88 -2.02
N LEU A 87 -3.23 -25.75 -2.11
CA LEU A 87 -4.61 -25.68 -1.69
C LEU A 87 -5.45 -26.68 -2.47
N LYS A 88 -5.30 -26.74 -3.80
CA LYS A 88 -6.13 -27.66 -4.57
C LYS A 88 -5.86 -29.12 -4.16
N TYR A 89 -4.60 -29.44 -3.88
CA TYR A 89 -4.28 -30.75 -3.37
C TYR A 89 -5.01 -31.03 -2.05
N PHE A 90 -4.92 -30.09 -1.08
CA PHE A 90 -5.51 -30.33 0.23
C PHE A 90 -7.02 -30.43 0.09
N GLU A 91 -7.62 -29.62 -0.77
CA GLU A 91 -9.06 -29.67 -0.97
C GLU A 91 -9.46 -31.00 -1.61
N TYR A 92 -8.63 -31.54 -2.52
CA TYR A 92 -8.92 -32.83 -3.11
C TYR A 92 -8.97 -33.90 -2.03
N ILE A 93 -7.91 -33.96 -1.21
CA ILE A 93 -7.86 -34.91 -0.10
C ILE A 93 -9.08 -34.78 0.83
N MET A 94 -9.46 -33.55 1.16
CA MET A 94 -10.57 -33.32 2.08
C MET A 94 -11.88 -33.77 1.45
N ALA A 95 -12.05 -33.50 0.15
CA ALA A 95 -13.23 -33.93 -0.58
C ALA A 95 -13.32 -35.45 -0.57
N LYS A 96 -12.17 -36.12 -0.75
CA LYS A 96 -12.13 -37.57 -0.71
C LYS A 96 -12.60 -38.09 0.65
N GLU A 97 -12.08 -37.50 1.74
CA GLU A 97 -12.44 -37.92 3.08
C GLU A 97 -13.94 -37.74 3.32
N LEU A 98 -14.50 -36.61 2.87
CA LEU A 98 -15.92 -36.33 3.04
C LEU A 98 -16.77 -37.32 2.24
N GLU A 99 -16.35 -37.60 1.00
CA GLU A 99 -17.02 -38.60 0.18
C GLU A 99 -17.08 -39.94 0.92
N HIS A 100 -15.95 -40.33 1.52
CA HIS A 100 -15.86 -41.55 2.28
C HIS A 100 -16.88 -41.56 3.42
N HIS A 101 -16.90 -40.50 4.23
CA HIS A 101 -17.83 -40.42 5.35
C HIS A 101 -19.27 -40.54 4.88
N HIS A 102 -19.61 -39.91 3.75
CA HIS A 102 -20.99 -39.91 3.27
C HIS A 102 -21.39 -41.29 2.72
N HIS A 103 -20.45 -42.20 2.48
CA HIS A 103 -20.84 -43.53 2.05
C HIS A 103 -20.76 -44.55 3.18
N HIS A 104 -20.39 -44.14 4.40
CA HIS A 104 -20.14 -45.08 5.51
C HIS A 104 -20.44 -44.44 6.87
N PHE B 3 -20.67 -22.36 23.81
CA PHE B 3 -19.65 -22.13 22.75
C PHE B 3 -20.20 -21.06 21.81
N LEU B 4 -19.47 -19.95 21.71
CA LEU B 4 -19.73 -18.92 20.73
C LEU B 4 -18.81 -19.09 19.53
N THR B 5 -19.41 -19.07 18.34
CA THR B 5 -18.67 -19.13 17.09
C THR B 5 -17.99 -17.79 16.88
N ALA B 6 -17.05 -17.78 15.91
CA ALA B 6 -16.34 -16.58 15.54
C ALA B 6 -17.36 -15.52 15.11
N GLU B 7 -18.39 -15.97 14.41
CA GLU B 7 -19.42 -15.06 13.95
C GLU B 7 -20.20 -14.48 15.15
N ASP B 8 -20.51 -15.32 16.14
CA ASP B 8 -21.15 -14.85 17.35
C ASP B 8 -20.30 -13.76 18.00
N CYS B 9 -18.99 -14.04 18.17
CA CYS B 9 -18.09 -13.09 18.80
C CYS B 9 -18.09 -11.77 18.03
N PHE B 10 -18.07 -11.87 16.69
CA PHE B 10 -18.04 -10.70 15.85
C PHE B 10 -19.30 -9.86 16.06
N GLU B 11 -20.45 -10.54 16.13
CA GLU B 11 -21.72 -9.87 16.30
C GLU B 11 -21.76 -9.16 17.66
N LEU B 12 -21.25 -9.82 18.69
CA LEU B 12 -21.19 -9.23 20.03
C LEU B 12 -20.24 -8.03 20.04
N GLY B 13 -19.15 -8.14 19.28
CA GLY B 13 -18.20 -7.05 19.19
C GLY B 13 -18.84 -5.82 18.58
N LYS B 14 -19.71 -6.06 17.59
CA LYS B 14 -20.41 -4.96 16.92
C LYS B 14 -21.41 -4.29 17.88
N VAL B 15 -22.07 -5.08 18.71
CA VAL B 15 -22.95 -4.52 19.71
C VAL B 15 -22.17 -3.67 20.71
N ALA B 16 -21.05 -4.19 21.20
CA ALA B 16 -20.19 -3.43 22.10
C ALA B 16 -19.77 -2.11 21.42
N TYR B 17 -19.38 -2.20 20.17
CA TYR B 17 -18.93 -1.04 19.44
C TYR B 17 -20.03 0.02 19.37
N THR B 18 -21.25 -0.41 19.09
CA THR B 18 -22.39 0.49 18.93
C THR B 18 -22.70 1.19 20.26
N GLU B 19 -22.38 0.54 21.39
CA GLU B 19 -22.54 1.14 22.72
C GLU B 19 -21.30 1.88 23.21
N ALA B 20 -20.32 2.08 22.33
CA ALA B 20 -19.07 2.75 22.69
C ALA B 20 -18.36 2.03 23.82
N ASP B 21 -18.48 0.69 23.84
CA ASP B 21 -17.73 -0.14 24.76
C ASP B 21 -16.50 -0.68 24.02
N TYR B 22 -15.44 0.12 23.96
CA TYR B 22 -14.37 -0.15 23.04
C TYR B 22 -13.42 -1.23 23.59
N TYR B 23 -13.42 -1.43 24.90
CA TYR B 23 -12.60 -2.48 25.46
C TYR B 23 -13.27 -3.81 25.15
N HIS B 24 -14.57 -3.90 25.39
CA HIS B 24 -15.30 -5.11 25.05
C HIS B 24 -15.34 -5.41 23.55
N THR B 25 -15.34 -4.37 22.71
CA THR B 25 -15.19 -4.56 21.28
C THR B 25 -13.89 -5.31 21.00
N GLU B 26 -12.80 -4.85 21.61
CA GLU B 26 -11.50 -5.48 21.48
C GLU B 26 -11.54 -6.95 21.96
N LEU B 27 -12.12 -7.21 23.12
CA LEU B 27 -12.19 -8.58 23.60
C LEU B 27 -12.94 -9.50 22.64
N TRP B 28 -14.13 -9.10 22.16
CA TRP B 28 -14.92 -9.95 21.29
C TRP B 28 -14.23 -10.17 19.94
N MET B 29 -13.70 -9.10 19.37
CA MET B 29 -13.10 -9.15 18.06
C MET B 29 -11.82 -9.99 18.13
N GLU B 30 -11.05 -9.82 19.20
CA GLU B 30 -9.83 -10.61 19.36
C GLU B 30 -10.17 -12.08 19.52
N GLN B 31 -11.25 -12.39 20.23
CA GLN B 31 -11.66 -13.78 20.36
C GLN B 31 -12.11 -14.34 18.99
N ALA B 32 -12.82 -13.55 18.17
CA ALA B 32 -13.15 -13.97 16.82
C ALA B 32 -11.89 -14.25 16.00
N LEU B 33 -10.91 -13.34 16.06
CA LEU B 33 -9.66 -13.52 15.31
C LEU B 33 -8.90 -14.75 15.80
N ARG B 34 -8.89 -15.01 17.12
CA ARG B 34 -8.19 -16.16 17.67
C ARG B 34 -8.82 -17.45 17.15
N GLN B 35 -10.15 -17.47 17.07
CA GLN B 35 -10.84 -18.65 16.61
C GLN B 35 -10.57 -18.88 15.11
N LEU B 36 -10.56 -17.82 14.31
CA LEU B 36 -10.22 -17.91 12.90
C LEU B 36 -8.79 -18.39 12.73
N ASP B 37 -7.85 -17.85 13.54
CA ASP B 37 -6.44 -18.19 13.44
C ASP B 37 -6.18 -19.66 13.80
N GLU B 38 -7.05 -20.26 14.61
CA GLU B 38 -6.94 -21.67 14.95
C GLU B 38 -7.73 -22.53 13.94
N GLY B 39 -8.24 -21.92 12.88
CA GLY B 39 -8.76 -22.67 11.74
C GLY B 39 -10.26 -22.92 11.77
N GLU B 40 -11.02 -22.20 12.61
CA GLU B 40 -12.47 -22.29 12.57
C GLU B 40 -12.97 -21.93 11.18
N ILE B 41 -13.94 -22.70 10.67
CA ILE B 41 -14.61 -22.38 9.42
C ILE B 41 -15.73 -21.39 9.72
N SER B 42 -15.77 -20.26 9.02
CA SER B 42 -16.69 -19.19 9.37
C SER B 42 -17.05 -18.34 8.17
N THR B 43 -18.16 -17.61 8.23
CA THR B 43 -18.55 -16.69 7.17
C THR B 43 -18.01 -15.27 7.40
N ILE B 44 -17.37 -14.98 8.54
CA ILE B 44 -17.01 -13.59 8.77
C ILE B 44 -15.71 -13.29 8.04
N ASP B 45 -15.48 -12.05 7.61
CA ASP B 45 -14.14 -11.78 7.10
C ASP B 45 -13.30 -10.98 8.09
N LYS B 46 -12.02 -11.38 8.11
CA LYS B 46 -11.02 -10.77 8.94
C LYS B 46 -10.96 -9.27 8.71
N VAL B 47 -11.21 -8.82 7.47
CA VAL B 47 -11.07 -7.40 7.17
C VAL B 47 -12.04 -6.56 7.99
N SER B 48 -13.31 -7.00 8.08
CA SER B 48 -14.27 -6.24 8.85
C SER B 48 -13.98 -6.32 10.36
N VAL B 49 -13.51 -7.48 10.84
CA VAL B 49 -13.10 -7.60 12.23
C VAL B 49 -11.99 -6.60 12.56
N LEU B 50 -10.98 -6.50 11.69
CA LEU B 50 -9.84 -5.63 11.92
C LEU B 50 -10.25 -4.16 11.87
N ASP B 51 -11.27 -3.86 11.07
CA ASP B 51 -11.77 -2.50 10.94
C ASP B 51 -12.33 -2.02 12.28
N TYR B 52 -13.17 -2.85 12.91
CA TYR B 52 -13.74 -2.51 14.20
C TYR B 52 -12.64 -2.48 15.28
N LEU B 53 -11.76 -3.48 15.23
CA LEU B 53 -10.74 -3.66 16.25
C LEU B 53 -9.78 -2.46 16.23
N SER B 54 -9.33 -2.07 15.03
CA SER B 54 -8.39 -0.97 14.94
C SER B 54 -9.00 0.31 15.52
N TYR B 55 -10.28 0.54 15.20
CA TYR B 55 -10.95 1.73 15.70
C TYR B 55 -11.12 1.67 17.21
N ALA B 56 -11.53 0.51 17.75
CA ALA B 56 -11.68 0.36 19.19
C ALA B 56 -10.36 0.61 19.92
N VAL B 57 -9.26 0.08 19.38
CA VAL B 57 -7.96 0.21 20.04
C VAL B 57 -7.51 1.67 19.97
N TYR B 58 -7.79 2.36 18.87
CA TYR B 58 -7.55 3.81 18.79
C TYR B 58 -8.28 4.56 19.92
N GLN B 59 -9.56 4.24 20.13
CA GLN B 59 -10.33 4.88 21.19
C GLN B 59 -9.71 4.66 22.55
N GLN B 60 -9.06 3.52 22.74
CA GLN B 60 -8.41 3.26 23.99
C GLN B 60 -7.11 4.03 24.13
N GLY B 61 -6.69 4.74 23.09
CA GLY B 61 -5.48 5.55 23.17
C GLY B 61 -4.22 4.77 22.76
N ASP B 62 -4.35 3.53 22.29
CA ASP B 62 -3.19 2.70 21.90
C ASP B 62 -2.87 2.92 20.42
N LEU B 63 -2.24 4.05 20.10
CA LEU B 63 -2.06 4.47 18.70
C LEU B 63 -1.14 3.51 17.94
N ASP B 64 -0.08 3.01 18.57
CA ASP B 64 0.84 2.09 17.94
C ASP B 64 0.13 0.78 17.59
N LYS B 65 -0.66 0.25 18.52
CA LYS B 65 -1.43 -0.95 18.23
C LYS B 65 -2.48 -0.70 17.15
N ALA B 66 -3.11 0.48 17.18
CA ALA B 66 -4.11 0.75 16.14
C ALA B 66 -3.45 0.81 14.77
N LEU B 67 -2.23 1.37 14.71
CA LEU B 67 -1.54 1.48 13.42
C LEU B 67 -1.20 0.09 12.91
N LEU B 68 -0.70 -0.76 13.82
CA LEU B 68 -0.36 -2.12 13.46
C LEU B 68 -1.57 -2.85 12.89
N LEU B 69 -2.74 -2.72 13.54
CA LEU B 69 -3.94 -3.42 13.10
C LEU B 69 -4.42 -2.85 11.76
N THR B 70 -4.23 -1.55 11.55
CA THR B 70 -4.58 -0.94 10.28
C THR B 70 -3.71 -1.50 9.17
N LYS B 71 -2.42 -1.66 9.45
CA LYS B 71 -1.51 -2.25 8.47
C LYS B 71 -1.88 -3.70 8.18
N LYS B 72 -2.27 -4.45 9.22
CA LYS B 72 -2.70 -5.83 8.99
C LYS B 72 -3.94 -5.84 8.08
N LEU B 73 -4.86 -4.89 8.26
CA LEU B 73 -6.06 -4.85 7.45
C LEU B 73 -5.68 -4.57 6.00
N LEU B 74 -4.78 -3.61 5.79
CA LEU B 74 -4.36 -3.19 4.47
C LEU B 74 -3.60 -4.30 3.74
N GLU B 75 -2.88 -5.15 4.48
CA GLU B 75 -2.27 -6.32 3.88
C GLU B 75 -3.35 -7.20 3.27
N LEU B 76 -4.52 -7.28 3.89
CA LEU B 76 -5.57 -8.17 3.42
C LEU B 76 -6.46 -7.49 2.38
N ASP B 77 -6.60 -6.16 2.48
CA ASP B 77 -7.46 -5.40 1.56
C ASP B 77 -6.79 -4.06 1.30
N PRO B 78 -5.83 -4.00 0.35
CA PRO B 78 -5.04 -2.78 0.15
C PRO B 78 -5.87 -1.57 -0.24
N GLU B 79 -7.10 -1.78 -0.74
CA GLU B 79 -7.88 -0.69 -1.30
C GLU B 79 -8.90 -0.17 -0.29
N HIS B 80 -8.90 -0.70 0.94
CA HIS B 80 -9.89 -0.31 1.91
C HIS B 80 -9.76 1.19 2.18
N GLN B 81 -10.88 1.91 2.01
CA GLN B 81 -10.82 3.37 1.91
C GLN B 81 -10.58 4.00 3.28
N ARG B 82 -11.35 3.57 4.28
CA ARG B 82 -11.20 4.12 5.61
C ARG B 82 -9.86 3.71 6.24
N ALA B 83 -9.40 2.47 6.01
CA ALA B 83 -8.12 2.06 6.58
C ALA B 83 -7.00 2.89 5.98
N ASN B 84 -7.07 3.18 4.67
CA ASN B 84 -6.07 4.00 4.03
C ASN B 84 -6.05 5.40 4.65
N GLY B 85 -7.23 5.94 4.93
CA GLY B 85 -7.34 7.22 5.60
C GLY B 85 -6.77 7.15 7.02
N ASN B 86 -7.12 6.09 7.76
CA ASN B 86 -6.65 5.92 9.12
C ASN B 86 -5.12 5.87 9.14
N LEU B 87 -4.53 5.12 8.21
CA LEU B 87 -3.09 5.01 8.15
C LEU B 87 -2.47 6.40 7.98
N LYS B 88 -2.99 7.21 7.04
CA LYS B 88 -2.44 8.55 6.84
C LYS B 88 -2.50 9.36 8.14
N TYR B 89 -3.62 9.26 8.84
CA TYR B 89 -3.76 9.93 10.12
C TYR B 89 -2.67 9.47 11.10
N PHE B 90 -2.49 8.16 11.28
CA PHE B 90 -1.53 7.65 12.27
C PHE B 90 -0.11 8.09 11.90
N GLU B 91 0.19 8.01 10.60
CA GLU B 91 1.50 8.41 10.13
C GLU B 91 1.72 9.90 10.34
N TYR B 92 0.66 10.70 10.15
CA TYR B 92 0.74 12.15 10.33
C TYR B 92 1.09 12.44 11.78
N ILE B 93 0.37 11.83 12.75
CA ILE B 93 0.64 12.03 14.16
C ILE B 93 2.08 11.67 14.51
N MET B 94 2.56 10.53 13.98
CA MET B 94 3.91 10.09 14.29
C MET B 94 4.94 11.07 13.73
N ALA B 95 4.69 11.52 12.50
CA ALA B 95 5.58 12.47 11.84
C ALA B 95 5.60 13.77 12.63
N LYS B 96 4.44 14.21 13.14
CA LYS B 96 4.37 15.42 13.94
C LYS B 96 5.24 15.28 15.18
N GLU B 97 5.11 14.16 15.89
CA GLU B 97 5.87 13.95 17.12
C GLU B 97 7.38 13.97 16.82
N LEU B 98 7.79 13.31 15.73
CA LEU B 98 9.19 13.29 15.34
C LEU B 98 9.71 14.68 15.00
N GLU B 99 8.91 15.44 14.25
CA GLU B 99 9.23 16.82 13.91
C GLU B 99 9.49 17.62 15.18
N HIS B 100 8.60 17.47 16.17
CA HIS B 100 8.73 18.12 17.45
C HIS B 100 10.09 17.77 18.09
N HIS B 101 10.40 16.48 18.20
CA HIS B 101 11.64 16.05 18.83
C HIS B 101 12.85 16.69 18.12
N HIS B 102 12.80 16.76 16.78
CA HIS B 102 13.70 17.63 16.03
C HIS B 102 13.30 19.09 16.28
N SER C 2 18.91 22.29 -28.62
CA SER C 2 18.41 21.19 -29.48
C SER C 2 17.47 20.28 -28.66
N PHE C 3 16.40 19.77 -29.30
CA PHE C 3 15.35 19.07 -28.59
C PHE C 3 15.63 17.57 -28.50
N LEU C 4 15.80 17.11 -27.26
CA LEU C 4 15.89 15.70 -26.93
C LEU C 4 14.55 15.23 -26.39
N THR C 5 14.08 14.09 -26.86
CA THR C 5 12.85 13.48 -26.35
C THR C 5 13.14 12.90 -24.97
N ALA C 6 12.07 12.58 -24.25
CA ALA C 6 12.18 11.95 -22.95
C ALA C 6 12.96 10.66 -23.08
N GLU C 7 12.71 9.94 -24.18
CA GLU C 7 13.41 8.69 -24.43
C GLU C 7 14.90 8.96 -24.67
N ASP C 8 15.24 10.02 -25.42
CA ASP C 8 16.64 10.41 -25.61
C ASP C 8 17.29 10.66 -24.25
N CYS C 9 16.63 11.46 -23.41
CA CYS C 9 17.18 11.79 -22.11
C CYS C 9 17.38 10.54 -21.27
N PHE C 10 16.43 9.61 -21.33
CA PHE C 10 16.51 8.38 -20.56
C PHE C 10 17.71 7.56 -21.03
N GLU C 11 17.90 7.50 -22.35
CA GLU C 11 19.00 6.76 -22.93
C GLU C 11 20.33 7.38 -22.51
N LEU C 12 20.39 8.72 -22.50
CA LEU C 12 21.62 9.40 -22.11
C LEU C 12 21.86 9.16 -20.63
N GLY C 13 20.78 9.14 -19.84
CA GLY C 13 20.89 8.90 -18.43
C GLY C 13 21.45 7.53 -18.15
N LYS C 14 21.05 6.55 -18.96
CA LYS C 14 21.56 5.19 -18.80
C LYS C 14 23.03 5.09 -19.18
N VAL C 15 23.45 5.82 -20.22
CA VAL C 15 24.88 5.88 -20.53
C VAL C 15 25.66 6.48 -19.37
N ALA C 16 25.18 7.62 -18.83
CA ALA C 16 25.84 8.22 -17.67
C ALA C 16 25.92 7.24 -16.51
N TYR C 17 24.81 6.54 -16.27
CA TYR C 17 24.77 5.60 -15.15
C TYR C 17 25.82 4.52 -15.33
N THR C 18 25.94 3.98 -16.56
CA THR C 18 26.86 2.89 -16.79
C THR C 18 28.30 3.37 -16.66
N GLU C 19 28.58 4.67 -16.86
CA GLU C 19 29.91 5.23 -16.63
C GLU C 19 30.11 5.74 -15.20
N ALA C 20 29.15 5.47 -14.30
CA ALA C 20 29.18 5.91 -12.92
C ALA C 20 29.28 7.44 -12.84
N ASP C 21 28.65 8.12 -13.81
CA ASP C 21 28.51 9.57 -13.72
C ASP C 21 27.13 9.89 -13.15
N TYR C 22 27.05 9.96 -11.82
CA TYR C 22 25.75 10.10 -11.19
C TYR C 22 25.26 11.54 -11.23
N TYR C 23 26.14 12.50 -11.49
CA TYR C 23 25.73 13.88 -11.71
C TYR C 23 24.94 13.96 -13.00
N HIS C 24 25.50 13.44 -14.09
CA HIS C 24 24.78 13.50 -15.36
C HIS C 24 23.59 12.54 -15.34
N THR C 25 23.63 11.42 -14.61
CA THR C 25 22.49 10.55 -14.54
C THR C 25 21.29 11.32 -14.01
N GLU C 26 21.49 12.06 -12.91
CA GLU C 26 20.43 12.86 -12.34
C GLU C 26 19.97 13.95 -13.30
N LEU C 27 20.88 14.64 -13.98
CA LEU C 27 20.47 15.65 -14.93
C LEU C 27 19.56 15.06 -16.02
N TRP C 28 19.99 13.97 -16.67
CA TRP C 28 19.25 13.41 -17.80
C TRP C 28 17.92 12.82 -17.34
N MET C 29 17.92 12.11 -16.23
CA MET C 29 16.72 11.45 -15.73
C MET C 29 15.73 12.51 -15.24
N GLU C 30 16.21 13.56 -14.59
CA GLU C 30 15.33 14.63 -14.18
C GLU C 30 14.71 15.33 -15.38
N GLN C 31 15.50 15.52 -16.45
CA GLN C 31 14.95 16.10 -17.65
C GLN C 31 13.88 15.19 -18.27
N ALA C 32 14.15 13.88 -18.32
CA ALA C 32 13.17 12.92 -18.83
C ALA C 32 11.88 12.99 -18.00
N LEU C 33 12.01 13.03 -16.67
CA LEU C 33 10.86 13.06 -15.79
C LEU C 33 10.08 14.35 -15.96
N ARG C 34 10.77 15.48 -16.14
CA ARG C 34 10.09 16.75 -16.34
C ARG C 34 9.28 16.74 -17.64
N GLN C 35 9.84 16.12 -18.68
CA GLN C 35 9.14 16.08 -19.95
C GLN C 35 7.93 15.14 -19.87
N LEU C 36 8.05 14.02 -19.17
CA LEU C 36 6.93 13.11 -18.94
C LEU C 36 5.87 13.81 -18.11
N ASP C 37 6.28 14.55 -17.07
CA ASP C 37 5.35 15.24 -16.19
C ASP C 37 4.57 16.34 -16.91
N GLU C 38 5.13 16.89 -17.99
CA GLU C 38 4.44 17.88 -18.79
C GLU C 38 3.61 17.21 -19.89
N GLY C 39 3.57 15.88 -19.92
CA GLY C 39 2.62 15.16 -20.75
C GLY C 39 3.18 14.74 -22.10
N GLU C 40 4.51 14.72 -22.27
CA GLU C 40 5.12 14.16 -23.46
C GLU C 40 4.68 12.71 -23.63
N ILE C 41 4.35 12.35 -24.87
CA ILE C 41 4.03 10.99 -25.23
C ILE C 41 5.34 10.27 -25.51
N SER C 42 5.57 9.13 -24.87
CA SER C 42 6.85 8.47 -24.89
C SER C 42 6.67 6.98 -24.65
N THR C 43 7.66 6.17 -25.02
CA THR C 43 7.67 4.75 -24.70
C THR C 43 8.23 4.44 -23.32
N ILE C 44 8.92 5.38 -22.68
CA ILE C 44 9.58 5.04 -21.43
C ILE C 44 8.53 5.25 -20.35
N ASP C 45 8.64 4.53 -19.24
CA ASP C 45 7.75 4.80 -18.14
C ASP C 45 8.48 5.52 -17.00
N LYS C 46 7.68 6.32 -16.31
CA LYS C 46 8.11 7.10 -15.18
C LYS C 46 8.83 6.22 -14.17
N VAL C 47 8.35 4.98 -13.98
CA VAL C 47 8.86 4.16 -12.90
C VAL C 47 10.34 3.83 -13.16
N SER C 48 10.70 3.48 -14.38
CA SER C 48 12.10 3.19 -14.66
C SER C 48 12.98 4.45 -14.57
N VAL C 49 12.47 5.61 -15.00
CA VAL C 49 13.19 6.87 -14.84
C VAL C 49 13.47 7.12 -13.36
N LEU C 50 12.43 6.93 -12.51
CA LEU C 50 12.58 7.23 -11.09
C LEU C 50 13.55 6.26 -10.44
N ASP C 51 13.60 5.02 -10.94
CA ASP C 51 14.48 4.02 -10.43
C ASP C 51 15.95 4.46 -10.60
N TYR C 52 16.33 4.90 -11.81
CA TYR C 52 17.68 5.38 -12.04
C TYR C 52 17.95 6.68 -11.29
N LEU C 53 16.95 7.58 -11.27
CA LEU C 53 17.11 8.86 -10.63
C LEU C 53 17.37 8.68 -9.12
N SER C 54 16.56 7.84 -8.48
CA SER C 54 16.69 7.66 -7.04
C SER C 54 18.04 7.06 -6.72
N TYR C 55 18.49 6.11 -7.52
CA TYR C 55 19.80 5.51 -7.33
C TYR C 55 20.92 6.54 -7.49
N ALA C 56 20.86 7.37 -8.56
CA ALA C 56 21.87 8.40 -8.76
C ALA C 56 21.90 9.38 -7.60
N VAL C 57 20.73 9.79 -7.11
CA VAL C 57 20.67 10.80 -6.07
C VAL C 57 21.22 10.20 -4.75
N TYR C 58 20.93 8.92 -4.50
CA TYR C 58 21.51 8.24 -3.37
C TYR C 58 23.04 8.24 -3.44
N GLN C 59 23.61 7.92 -4.61
CA GLN C 59 25.05 7.92 -4.80
C GLN C 59 25.65 9.28 -4.48
N GLN C 60 24.90 10.35 -4.76
CA GLN C 60 25.40 11.68 -4.44
C GLN C 60 25.32 11.97 -2.94
N GLY C 61 24.71 11.08 -2.15
CA GLY C 61 24.59 11.30 -0.73
C GLY C 61 23.39 12.17 -0.33
N ASP C 62 22.47 12.46 -1.27
CA ASP C 62 21.31 13.32 -1.03
C ASP C 62 20.14 12.46 -0.57
N LEU C 63 20.19 12.06 0.70
CA LEU C 63 19.29 11.07 1.25
C LEU C 63 17.86 11.61 1.32
N ASP C 64 17.66 12.89 1.62
CA ASP C 64 16.31 13.44 1.68
C ASP C 64 15.64 13.37 0.30
N LYS C 65 16.39 13.78 -0.74
CA LYS C 65 15.84 13.72 -2.09
C LYS C 65 15.61 12.25 -2.48
N ALA C 66 16.54 11.36 -2.11
CA ALA C 66 16.36 9.97 -2.48
C ALA C 66 15.12 9.38 -1.83
N LEU C 67 14.81 9.80 -0.58
CA LEU C 67 13.63 9.29 0.10
C LEU C 67 12.36 9.75 -0.62
N LEU C 68 12.36 11.05 -0.98
CA LEU C 68 11.23 11.61 -1.70
C LEU C 68 10.98 10.82 -3.00
N LEU C 69 12.05 10.54 -3.74
CA LEU C 69 11.93 9.85 -5.02
C LEU C 69 11.46 8.42 -4.81
N THR C 70 11.91 7.79 -3.73
CA THR C 70 11.49 6.43 -3.42
C THR C 70 9.97 6.40 -3.16
N LYS C 71 9.50 7.41 -2.42
CA LYS C 71 8.08 7.48 -2.11
C LYS C 71 7.28 7.69 -3.39
N LYS C 72 7.79 8.57 -4.26
CA LYS C 72 7.10 8.84 -5.51
C LYS C 72 7.04 7.57 -6.35
N LEU C 73 8.11 6.78 -6.34
CA LEU C 73 8.14 5.55 -7.14
C LEU C 73 7.08 4.58 -6.63
N LEU C 74 7.02 4.42 -5.32
CA LEU C 74 6.06 3.53 -4.67
C LEU C 74 4.60 3.94 -4.87
N GLU C 75 4.35 5.26 -4.97
CA GLU C 75 3.02 5.73 -5.33
C GLU C 75 2.64 5.16 -6.68
N LEU C 76 3.61 5.04 -7.61
CA LEU C 76 3.29 4.61 -8.97
C LEU C 76 3.35 3.09 -9.10
N ASP C 77 4.19 2.44 -8.30
CA ASP C 77 4.38 0.99 -8.36
C ASP C 77 4.59 0.47 -6.95
N PRO C 78 3.51 0.23 -6.18
CA PRO C 78 3.65 -0.12 -4.78
C PRO C 78 4.40 -1.43 -4.54
N GLU C 79 4.56 -2.27 -5.56
CA GLU C 79 5.18 -3.58 -5.38
C GLU C 79 6.67 -3.56 -5.76
N HIS C 80 7.21 -2.40 -6.13
CA HIS C 80 8.57 -2.31 -6.59
C HIS C 80 9.53 -2.78 -5.50
N GLN C 81 10.38 -3.74 -5.85
CA GLN C 81 11.14 -4.48 -4.86
C GLN C 81 12.23 -3.63 -4.22
N ARG C 82 13.06 -2.98 -5.04
CA ARG C 82 14.17 -2.18 -4.53
C ARG C 82 13.68 -0.95 -3.79
N ALA C 83 12.61 -0.32 -4.33
CA ALA C 83 12.08 0.86 -3.67
C ALA C 83 11.55 0.49 -2.29
N ASN C 84 10.87 -0.66 -2.19
CA ASN C 84 10.35 -1.12 -0.91
C ASN C 84 11.50 -1.36 0.06
N GLY C 85 12.61 -1.92 -0.42
CA GLY C 85 13.79 -2.11 0.42
C GLY C 85 14.34 -0.76 0.90
N ASN C 86 14.45 0.19 -0.03
CA ASN C 86 14.98 1.51 0.33
C ASN C 86 14.12 2.15 1.42
N LEU C 87 12.80 2.09 1.22
CA LEU C 87 11.88 2.67 2.18
C LEU C 87 12.02 2.04 3.58
N LYS C 88 12.17 0.70 3.62
CA LYS C 88 12.27 -0.02 4.87
CA LYS C 88 12.27 -0.02 4.87
C LYS C 88 13.43 0.50 5.70
N TYR C 89 14.55 0.90 5.06
CA TYR C 89 15.62 1.51 5.84
C TYR C 89 15.12 2.75 6.60
N PHE C 90 14.46 3.68 5.88
CA PHE C 90 14.05 4.95 6.48
C PHE C 90 13.00 4.66 7.55
N GLU C 91 12.10 3.71 7.27
CA GLU C 91 11.08 3.33 8.23
C GLU C 91 11.71 2.78 9.51
N TYR C 92 12.78 1.96 9.35
CA TYR C 92 13.45 1.36 10.49
C TYR C 92 14.04 2.46 11.38
N ILE C 93 14.79 3.38 10.76
CA ILE C 93 15.38 4.51 11.47
C ILE C 93 14.32 5.31 12.22
N MET C 94 13.19 5.60 11.55
CA MET C 94 12.14 6.41 12.15
C MET C 94 11.52 5.67 13.34
N ALA C 95 11.31 4.36 13.19
CA ALA C 95 10.76 3.55 14.25
C ALA C 95 11.69 3.56 15.46
N LYS C 96 13.02 3.50 15.20
CA LYS C 96 14.00 3.58 16.27
C LYS C 96 13.87 4.90 17.02
N GLU C 97 13.81 6.02 16.28
CA GLU C 97 13.72 7.34 16.88
C GLU C 97 12.47 7.45 17.73
N LEU C 98 11.33 6.95 17.22
CA LEU C 98 10.05 7.01 17.92
C LEU C 98 10.12 6.20 19.22
N GLU C 99 10.70 5.00 19.13
CA GLU C 99 10.90 4.15 20.29
C GLU C 99 11.65 4.92 21.38
N HIS C 100 12.70 5.67 20.98
CA HIS C 100 13.32 6.69 21.83
C HIS C 100 12.38 7.90 21.94
N SER D 2 -3.40 32.56 11.52
CA SER D 2 -2.14 33.15 11.04
C SER D 2 -1.59 32.48 9.76
N PHE D 3 -1.70 31.16 9.58
CA PHE D 3 -1.30 30.56 8.31
C PHE D 3 -2.30 29.45 7.91
N LEU D 4 -2.34 29.17 6.60
CA LEU D 4 -3.14 28.08 6.08
C LEU D 4 -2.29 26.82 5.82
N THR D 5 -2.75 25.70 6.38
CA THR D 5 -2.15 24.39 6.12
C THR D 5 -2.59 23.92 4.74
N ALA D 6 -1.93 22.87 4.25
CA ALA D 6 -2.26 22.21 3.00
C ALA D 6 -3.72 21.73 3.04
N GLU D 7 -4.12 21.26 4.21
CA GLU D 7 -5.49 20.81 4.39
C GLU D 7 -6.44 22.02 4.32
N ASP D 8 -6.07 23.14 4.92
CA ASP D 8 -6.86 24.36 4.80
C ASP D 8 -6.99 24.76 3.32
N CYS D 9 -5.90 24.74 2.58
CA CYS D 9 -5.94 25.07 1.16
C CYS D 9 -6.87 24.14 0.39
N PHE D 10 -6.84 22.85 0.74
CA PHE D 10 -7.67 21.87 0.07
C PHE D 10 -9.13 22.16 0.36
N GLU D 11 -9.42 22.52 1.63
CA GLU D 11 -10.76 22.84 2.06
C GLU D 11 -11.22 24.12 1.35
N LEU D 12 -10.35 25.10 1.18
CA LEU D 12 -10.70 26.35 0.49
C LEU D 12 -10.97 26.06 -0.97
N GLY D 13 -10.18 25.13 -1.54
CA GLY D 13 -10.40 24.74 -2.92
C GLY D 13 -11.77 24.12 -3.10
N LYS D 14 -12.21 23.34 -2.09
CA LYS D 14 -13.54 22.73 -2.13
C LYS D 14 -14.64 23.77 -2.02
N VAL D 15 -14.45 24.79 -1.18
CA VAL D 15 -15.40 25.89 -1.11
C VAL D 15 -15.50 26.61 -2.46
N ALA D 16 -14.34 26.94 -3.05
CA ALA D 16 -14.33 27.54 -4.39
C ALA D 16 -15.07 26.66 -5.39
N TYR D 17 -14.81 25.36 -5.33
CA TYR D 17 -15.42 24.46 -6.29
C TYR D 17 -16.94 24.45 -6.15
N THR D 18 -17.42 24.44 -4.90
CA THR D 18 -18.86 24.38 -4.68
C THR D 18 -19.51 25.70 -5.09
N GLU D 19 -18.78 26.80 -5.15
CA GLU D 19 -19.29 28.07 -5.69
C GLU D 19 -19.01 28.26 -7.18
N ALA D 20 -18.57 27.21 -7.86
CA ALA D 20 -18.27 27.24 -9.28
C ALA D 20 -17.19 28.29 -9.59
N ASP D 21 -16.26 28.48 -8.66
CA ASP D 21 -15.10 29.32 -8.90
C ASP D 21 -13.93 28.40 -9.30
N TYR D 22 -13.85 28.05 -10.59
CA TYR D 22 -12.97 26.96 -10.99
C TYR D 22 -11.52 27.43 -11.11
N TYR D 23 -11.33 28.74 -11.26
CA TYR D 23 -9.96 29.25 -11.33
C TYR D 23 -9.41 29.24 -9.91
N HIS D 24 -10.20 29.73 -8.95
CA HIS D 24 -9.80 29.67 -7.56
C HIS D 24 -9.64 28.24 -7.03
N THR D 25 -10.46 27.28 -7.51
CA THR D 25 -10.28 25.89 -7.18
C THR D 25 -8.87 25.46 -7.54
N GLU D 26 -8.47 25.79 -8.77
CA GLU D 26 -7.15 25.46 -9.24
C GLU D 26 -6.06 26.12 -8.39
N LEU D 27 -6.21 27.40 -8.08
CA LEU D 27 -5.23 28.10 -7.25
C LEU D 27 -5.07 27.41 -5.89
N TRP D 28 -6.17 27.13 -5.17
CA TRP D 28 -6.08 26.55 -3.84
C TRP D 28 -5.54 25.12 -3.91
N MET D 29 -5.97 24.34 -4.89
CA MET D 29 -5.54 22.93 -4.95
C MET D 29 -4.06 22.87 -5.31
N GLU D 30 -3.63 23.74 -6.24
CA GLU D 30 -2.22 23.80 -6.58
C GLU D 30 -1.39 24.28 -5.39
N GLN D 31 -1.90 25.22 -4.59
CA GLN D 31 -1.22 25.65 -3.37
C GLN D 31 -1.16 24.50 -2.37
N ALA D 32 -2.19 23.67 -2.24
CA ALA D 32 -2.14 22.49 -1.37
C ALA D 32 -1.03 21.56 -1.84
N LEU D 33 -0.99 21.28 -3.14
CA LEU D 33 0.05 20.40 -3.67
C LEU D 33 1.44 21.00 -3.48
N ARG D 34 1.58 22.33 -3.62
CA ARG D 34 2.87 22.98 -3.46
C ARG D 34 3.33 22.87 -2.01
N GLN D 35 2.42 22.99 -1.06
CA GLN D 35 2.78 22.89 0.34
C GLN D 35 3.18 21.46 0.68
N LEU D 36 2.47 20.44 0.14
CA LEU D 36 2.90 19.04 0.23
C LEU D 36 4.31 18.86 -0.32
N ASP D 37 4.55 19.40 -1.52
CA ASP D 37 5.80 19.22 -2.24
C ASP D 37 6.97 19.87 -1.51
N GLU D 38 6.71 20.88 -0.69
CA GLU D 38 7.73 21.53 0.11
C GLU D 38 7.87 20.84 1.47
N GLY D 39 7.18 19.71 1.66
CA GLY D 39 7.47 18.83 2.78
C GLY D 39 6.57 19.06 3.99
N GLU D 40 5.45 19.77 3.81
CA GLU D 40 4.44 19.84 4.85
C GLU D 40 3.94 18.43 5.14
N ILE D 41 3.81 18.13 6.43
CA ILE D 41 3.26 16.86 6.89
C ILE D 41 1.76 17.07 6.95
N SER D 42 1.00 16.19 6.29
CA SER D 42 -0.42 16.42 6.08
C SER D 42 -1.14 15.11 5.88
N THR D 43 -2.45 15.10 6.17
CA THR D 43 -3.25 13.91 5.93
C THR D 43 -3.93 13.93 4.57
N ILE D 44 -3.76 14.98 3.75
CA ILE D 44 -4.64 15.05 2.59
C ILE D 44 -4.22 14.02 1.54
N ASP D 45 -5.18 13.59 0.73
CA ASP D 45 -4.96 12.62 -0.31
C ASP D 45 -4.76 13.30 -1.67
N LYS D 46 -3.59 13.11 -2.30
CA LYS D 46 -3.26 13.63 -3.59
C LYS D 46 -4.36 13.30 -4.60
N VAL D 47 -4.94 12.11 -4.47
CA VAL D 47 -5.90 11.63 -5.47
C VAL D 47 -7.15 12.52 -5.45
N SER D 48 -7.65 12.87 -4.26
CA SER D 48 -8.81 13.74 -4.19
CA SER D 48 -8.81 13.74 -4.17
C SER D 48 -8.48 15.15 -4.67
N VAL D 49 -7.27 15.65 -4.39
CA VAL D 49 -6.84 16.95 -4.90
C VAL D 49 -6.89 16.95 -6.42
N LEU D 50 -6.36 15.89 -7.04
CA LEU D 50 -6.27 15.81 -8.49
C LEU D 50 -7.65 15.70 -9.11
N ASP D 51 -8.58 15.07 -8.39
CA ASP D 51 -9.95 14.91 -8.85
C ASP D 51 -10.61 16.28 -9.01
N TYR D 52 -10.49 17.14 -7.98
CA TYR D 52 -11.06 18.48 -8.05
C TYR D 52 -10.34 19.32 -9.08
N LEU D 53 -9.01 19.22 -9.11
CA LEU D 53 -8.20 20.01 -10.00
C LEU D 53 -8.51 19.69 -11.46
N SER D 54 -8.59 18.40 -11.79
CA SER D 54 -8.88 18.02 -13.16
C SER D 54 -10.23 18.56 -13.61
N TYR D 55 -11.24 18.47 -12.74
CA TYR D 55 -12.56 18.98 -13.07
C TYR D 55 -12.54 20.50 -13.23
N ALA D 56 -11.85 21.21 -12.32
CA ALA D 56 -11.77 22.66 -12.40
C ALA D 56 -11.10 23.09 -13.72
N VAL D 57 -10.03 22.40 -14.09
CA VAL D 57 -9.27 22.78 -15.29
C VAL D 57 -10.12 22.50 -16.52
N TYR D 58 -10.88 21.41 -16.51
CA TYR D 58 -11.81 21.12 -17.61
C TYR D 58 -12.83 22.26 -17.77
N GLN D 59 -13.41 22.73 -16.67
CA GLN D 59 -14.35 23.85 -16.74
C GLN D 59 -13.75 25.11 -17.34
N GLN D 60 -12.45 25.30 -17.13
CA GLN D 60 -11.77 26.43 -17.71
C GLN D 60 -11.51 26.22 -19.21
N GLY D 61 -11.84 25.05 -19.75
CA GLY D 61 -11.70 24.80 -21.17
C GLY D 61 -10.30 24.28 -21.54
N ASP D 62 -9.44 23.97 -20.56
CA ASP D 62 -8.08 23.48 -20.82
C ASP D 62 -8.09 21.95 -20.88
N LEU D 63 -8.55 21.42 -22.00
CA LEU D 63 -8.80 19.98 -22.16
C LEU D 63 -7.51 19.15 -22.05
N ASP D 64 -6.41 19.64 -22.62
CA ASP D 64 -5.15 18.93 -22.58
C ASP D 64 -4.67 18.81 -21.15
N LYS D 65 -4.73 19.92 -20.41
CA LYS D 65 -4.30 19.89 -19.02
C LYS D 65 -5.23 19.02 -18.20
N ALA D 66 -6.54 19.04 -18.47
CA ALA D 66 -7.43 18.18 -17.71
C ALA D 66 -7.11 16.71 -17.96
N LEU D 67 -6.76 16.36 -19.19
CA LEU D 67 -6.43 14.98 -19.51
C LEU D 67 -5.16 14.57 -18.75
N LEU D 68 -4.18 15.46 -18.77
CA LEU D 68 -2.92 15.19 -18.10
C LEU D 68 -3.15 14.94 -16.61
N LEU D 69 -3.99 15.78 -15.96
CA LEU D 69 -4.25 15.62 -14.55
C LEU D 69 -5.01 14.32 -14.27
N THR D 70 -5.92 13.96 -15.18
CA THR D 70 -6.63 12.70 -15.05
C THR D 70 -5.66 11.51 -15.12
N LYS D 71 -4.68 11.58 -16.02
CA LYS D 71 -3.67 10.54 -16.14
C LYS D 71 -2.82 10.48 -14.87
N LYS D 72 -2.48 11.64 -14.32
CA LYS D 72 -1.70 11.66 -13.09
C LYS D 72 -2.50 11.00 -11.96
N LEU D 73 -3.81 11.23 -11.92
CA LEU D 73 -4.65 10.66 -10.87
C LEU D 73 -4.64 9.14 -11.01
N LEU D 74 -4.83 8.66 -12.24
CA LEU D 74 -4.90 7.24 -12.53
C LEU D 74 -3.59 6.53 -12.24
N GLU D 75 -2.45 7.20 -12.42
CA GLU D 75 -1.17 6.66 -12.02
C GLU D 75 -1.21 6.37 -10.53
N LEU D 76 -1.88 7.20 -9.73
CA LEU D 76 -1.86 7.02 -8.28
C LEU D 76 -2.98 6.10 -7.82
N ASP D 77 -4.10 6.05 -8.56
CA ASP D 77 -5.25 5.22 -8.20
C ASP D 77 -5.86 4.67 -9.48
N PRO D 78 -5.32 3.56 -10.02
CA PRO D 78 -5.74 3.07 -11.32
C PRO D 78 -7.20 2.66 -11.38
N GLU D 79 -7.84 2.43 -10.23
CA GLU D 79 -9.19 1.91 -10.22
C GLU D 79 -10.22 3.01 -10.00
N HIS D 80 -9.78 4.27 -9.93
CA HIS D 80 -10.69 5.38 -9.64
C HIS D 80 -11.76 5.44 -10.72
N GLN D 81 -13.02 5.40 -10.28
CA GLN D 81 -14.13 5.17 -11.18
C GLN D 81 -14.40 6.37 -12.08
N ARG D 82 -14.53 7.56 -11.49
CA ARG D 82 -14.79 8.75 -12.27
C ARG D 82 -13.61 9.12 -13.16
N ALA D 83 -12.38 8.95 -12.68
CA ALA D 83 -11.23 9.32 -13.51
C ALA D 83 -11.17 8.38 -14.72
N ASN D 84 -11.51 7.10 -14.52
CA ASN D 84 -11.53 6.15 -15.64
C ASN D 84 -12.59 6.57 -16.65
N GLY D 85 -13.75 7.04 -16.16
CA GLY D 85 -14.79 7.57 -17.03
C GLY D 85 -14.30 8.79 -17.79
N ASN D 86 -13.66 9.71 -17.07
CA ASN D 86 -13.15 10.94 -17.68
C ASN D 86 -12.14 10.61 -18.77
N LEU D 87 -11.23 9.68 -18.49
CA LEU D 87 -10.23 9.29 -19.47
C LEU D 87 -10.92 8.77 -20.73
N LYS D 88 -11.93 7.90 -20.60
CA LYS D 88 -12.59 7.36 -21.79
C LYS D 88 -13.21 8.49 -22.61
N TYR D 89 -13.82 9.46 -21.91
CA TYR D 89 -14.37 10.61 -22.60
C TYR D 89 -13.28 11.38 -23.35
N PHE D 90 -12.16 11.70 -22.69
CA PHE D 90 -11.12 12.50 -23.35
C PHE D 90 -10.52 11.72 -24.50
N GLU D 91 -10.35 10.40 -24.35
CA GLU D 91 -9.84 9.58 -25.45
C GLU D 91 -10.82 9.58 -26.61
N TYR D 92 -12.13 9.57 -26.33
CA TYR D 92 -13.13 9.61 -27.38
C TYR D 92 -13.00 10.91 -28.16
N ILE D 93 -12.97 12.05 -27.45
CA ILE D 93 -12.79 13.36 -28.08
C ILE D 93 -11.53 13.41 -28.94
N MET D 94 -10.42 12.88 -28.42
CA MET D 94 -9.16 12.92 -29.13
C MET D 94 -9.23 12.07 -30.38
N ALA D 95 -9.86 10.89 -30.26
CA ALA D 95 -10.06 10.00 -31.40
C ALA D 95 -10.91 10.70 -32.47
N LYS D 96 -11.93 11.45 -32.04
CA LYS D 96 -12.76 12.22 -32.96
C LYS D 96 -11.93 13.25 -33.71
N GLU D 97 -11.10 14.01 -32.99
CA GLU D 97 -10.25 15.02 -33.60
C GLU D 97 -9.31 14.39 -34.63
N LEU D 98 -8.70 13.25 -34.28
CA LEU D 98 -7.78 12.58 -35.17
C LEU D 98 -8.49 12.05 -36.41
N GLU D 99 -9.68 11.47 -36.23
CA GLU D 99 -10.52 11.04 -37.34
C GLU D 99 -10.75 12.19 -38.31
N HIS D 100 -11.10 13.36 -37.76
CA HIS D 100 -11.31 14.56 -38.54
C HIS D 100 -10.05 14.88 -39.36
N HIS D 101 -8.88 14.95 -38.71
CA HIS D 101 -7.64 15.28 -39.41
C HIS D 101 -7.38 14.30 -40.54
N HIS D 102 -7.63 12.99 -40.31
CA HIS D 102 -7.32 11.99 -41.32
C HIS D 102 -8.20 12.13 -42.57
N HIS D 103 -9.07 13.15 -42.64
CA HIS D 103 -9.74 13.50 -43.87
C HIS D 103 -9.43 14.96 -44.21
N GLY E 3 1.01 -33.96 -4.25
CA GLY E 3 2.34 -33.35 -4.10
C GLY E 3 2.22 -31.85 -3.78
N PRO E 4 2.30 -31.45 -2.49
CA PRO E 4 2.58 -30.07 -2.11
C PRO E 4 3.99 -29.62 -2.41
N ALA E 5 4.11 -28.44 -3.05
CA ALA E 5 5.40 -27.90 -3.46
C ALA E 5 5.88 -26.88 -2.43
N GLY E 6 7.20 -26.87 -2.23
CA GLY E 6 7.84 -25.92 -1.33
C GLY E 6 8.78 -24.99 -2.10
N PRO E 7 9.36 -23.95 -1.44
CA PRO E 7 10.34 -23.09 -2.07
C PRO E 7 11.72 -23.72 -2.16
N PRO F 1 -6.17 17.74 10.88
CA PRO F 1 -6.13 16.23 10.83
C PRO F 1 -7.45 15.61 11.29
N GLY F 3 -9.72 12.90 12.46
CA GLY F 3 -9.38 11.72 13.23
C GLY F 3 -9.75 10.45 12.47
N PRO F 4 -9.44 9.27 13.04
CA PRO F 4 -9.79 8.02 12.40
C PRO F 4 -11.30 7.90 12.24
N ALA F 5 -11.69 7.32 11.10
CA ALA F 5 -13.06 6.91 10.85
C ALA F 5 -13.20 5.42 11.16
N GLY F 6 -14.23 5.09 11.94
CA GLY F 6 -14.57 3.71 12.24
C GLY F 6 -15.74 3.26 11.37
N PRO F 7 -16.11 1.95 11.46
CA PRO F 7 -17.25 1.44 10.74
C PRO F 7 -18.57 2.07 11.18
N GLY F 9 -21.81 2.02 13.03
CA GLY F 9 -22.18 1.22 14.19
C GLY F 9 -23.03 2.01 15.17
N GLY G 3 -19.43 14.77 -21.11
CA GLY G 3 -18.42 15.55 -20.37
C GLY G 3 -17.75 14.70 -19.29
N PRO G 4 -16.82 15.29 -18.50
CA PRO G 4 -16.29 14.63 -17.33
C PRO G 4 -17.17 14.86 -16.11
N ALA G 5 -16.96 14.00 -15.10
CA ALA G 5 -17.55 14.09 -13.78
C ALA G 5 -16.54 14.66 -12.78
N GLY G 6 -16.94 15.75 -12.11
CA GLY G 6 -16.26 16.26 -10.92
C GLY G 6 -16.78 15.64 -9.61
N PRO G 7 -16.06 15.82 -8.48
CA PRO G 7 -16.56 15.33 -7.20
C PRO G 7 -17.73 16.18 -6.72
N GLY G 9 -20.45 18.72 -5.82
CA GLY G 9 -20.41 20.03 -5.20
C GLY G 9 -21.49 20.93 -5.78
#